data_3H8Q
#
_entry.id   3H8Q
#
_cell.length_a   71.130
_cell.length_b   71.130
_cell.length_c   72.291
_cell.angle_alpha   90.00
_cell.angle_beta   90.00
_cell.angle_gamma   120.00
#
_symmetry.space_group_name_H-M   'P 61'
#
loop_
_entity.id
_entity.type
_entity.pdbx_description
1 polymer 'Thioredoxin reductase 3'
2 non-polymer 'SULFATE ION'
3 non-polymer 'CHLORIDE ION'
4 water water
#
_entity_poly.entity_id   1
_entity_poly.type   'polypeptide(L)'
_entity_poly.pdbx_seq_one_letter_code
;MAREELRRHLVGLIERSRVVIFSKSYCPHSTRVKELFSSLGVECNVLELDQVDDGARVQEVLSEITNQKTVPNIFVNKVH
VGGCDQTFQAYQSGLLQKLLQEDLAYDAENLYFQ
;
_entity_poly.pdbx_strand_id   A,B
#
loop_
_chem_comp.id
_chem_comp.type
_chem_comp.name
_chem_comp.formula
CL non-polymer 'CHLORIDE ION' 'Cl -1'
SO4 non-polymer 'SULFATE ION' 'O4 S -2'
#
# COMPACT_ATOMS: atom_id res chain seq x y z
N MET A 1 -14.30 6.57 -11.99
CA MET A 1 -14.84 7.45 -13.06
C MET A 1 -14.68 6.75 -14.41
N ALA A 2 -13.49 6.22 -14.66
CA ALA A 2 -13.26 5.31 -15.78
C ALA A 2 -13.39 3.88 -15.24
N ARG A 3 -12.39 3.43 -14.50
CA ARG A 3 -12.49 2.21 -13.72
C ARG A 3 -12.05 2.53 -12.30
N GLU A 4 -13.00 2.49 -11.38
CA GLU A 4 -12.76 2.85 -9.99
C GLU A 4 -11.88 1.82 -9.28
N GLU A 5 -12.08 0.54 -9.59
CA GLU A 5 -11.28 -0.52 -8.96
C GLU A 5 -9.85 -0.56 -9.49
N LEU A 6 -9.64 -0.24 -10.76
CA LEU A 6 -8.30 -0.11 -11.32
C LEU A 6 -7.49 1.04 -10.69
N ARG A 7 -8.09 2.23 -10.66
CA ARG A 7 -7.54 3.40 -9.98
C ARG A 7 -7.08 3.01 -8.59
N ARG A 8 -7.96 2.35 -7.86
CA ARG A 8 -7.65 1.90 -6.50
C ARG A 8 -6.47 0.93 -6.42
N HIS A 9 -6.37 -0.03 -7.34
CA HIS A 9 -5.25 -0.97 -7.33
CA HIS A 9 -5.25 -0.97 -7.29
C HIS A 9 -3.91 -0.29 -7.68
N LEU A 10 -3.96 0.61 -8.64
CA LEU A 10 -2.74 1.33 -9.04
C LEU A 10 -2.19 2.17 -7.88
N VAL A 11 -3.09 2.90 -7.19
CA VAL A 11 -2.74 3.70 -6.03
C VAL A 11 -2.18 2.82 -4.95
N GLY A 12 -2.79 1.65 -4.73
CA GLY A 12 -2.36 0.75 -3.66
C GLY A 12 -0.97 0.20 -3.92
N LEU A 13 -0.70 -0.06 -5.19
CA LEU A 13 0.62 -0.50 -5.59
C LEU A 13 1.69 0.56 -5.18
N ILE A 14 1.41 1.83 -5.46
CA ILE A 14 2.35 2.93 -5.24
C ILE A 14 2.52 3.13 -3.74
N GLU A 15 1.40 3.06 -3.02
CA GLU A 15 1.40 3.29 -1.58
C GLU A 15 2.21 2.22 -0.83
N ARG A 16 2.23 0.99 -1.34
CA ARG A 16 2.92 -0.12 -0.63
C ARG A 16 4.38 -0.42 -1.03
N SER A 17 4.92 0.33 -2.00
CA SER A 17 6.18 0.03 -2.66
C SER A 17 7.18 1.11 -2.43
N ARG A 18 8.37 0.70 -2.07
CA ARG A 18 9.49 1.60 -2.01
C ARG A 18 9.85 2.21 -3.38
N VAL A 19 9.83 1.37 -4.40
CA VAL A 19 9.95 1.82 -5.79
C VAL A 19 8.94 1.09 -6.64
N VAL A 20 8.20 1.83 -7.42
CA VAL A 20 7.41 1.25 -8.48
C VAL A 20 7.74 1.91 -9.79
N ILE A 21 8.12 1.08 -10.76
CA ILE A 21 8.39 1.54 -12.11
C ILE A 21 7.29 1.03 -13.04
N PHE A 22 6.49 1.97 -13.54
CA PHE A 22 5.56 1.64 -14.60
C PHE A 22 6.34 1.67 -15.92
N SER A 23 6.43 0.52 -16.58
CA SER A 23 7.47 0.25 -17.59
C SER A 23 6.81 -0.32 -18.83
N LYS A 24 7.65 -0.55 -19.85
CA LYS A 24 7.37 -1.49 -20.96
C LYS A 24 8.57 -2.43 -21.14
N SER A 25 8.26 -3.72 -21.40
CA SER A 25 9.27 -4.80 -21.52
C SER A 25 10.42 -4.56 -22.47
N TYR A 26 10.13 -3.88 -23.58
CA TYR A 26 11.09 -3.68 -24.68
C TYR A 26 11.78 -2.30 -24.65
N CYS A 27 11.32 -1.41 -23.76
CA CYS A 27 11.74 -0.01 -23.76
C CYS A 27 13.14 0.14 -23.14
N PRO A 28 14.08 0.82 -23.86
CA PRO A 28 15.43 0.97 -23.33
C PRO A 28 15.55 2.02 -22.23
N HIS A 29 14.66 3.02 -22.22
CA HIS A 29 14.57 3.94 -21.09
C HIS A 29 14.19 3.20 -19.81
N SER A 30 13.15 2.36 -19.93
CA SER A 30 12.69 1.52 -18.83
C SER A 30 13.82 0.66 -18.38
N THR A 31 14.47 0.04 -19.36
CA THR A 31 15.59 -0.82 -19.08
C THR A 31 16.68 -0.06 -18.34
N ARG A 32 16.90 1.18 -18.75
CA ARG A 32 17.98 1.95 -18.15
C ARG A 32 17.66 2.30 -16.69
N VAL A 33 16.43 2.71 -16.40
CA VAL A 33 16.03 3.02 -15.03
C VAL A 33 16.13 1.78 -14.13
N LYS A 34 15.71 0.63 -14.64
CA LYS A 34 15.79 -0.64 -13.91
C LYS A 34 17.19 -1.00 -13.55
N GLU A 35 18.10 -0.72 -14.49
CA GLU A 35 19.53 -0.97 -14.29
C GLU A 35 20.09 -0.03 -13.24
N LEU A 36 19.73 1.27 -13.31
CA LEU A 36 20.12 2.19 -12.24
C LEU A 36 19.72 1.64 -10.83
N PHE A 37 18.47 1.26 -10.63
CA PHE A 37 18.04 0.81 -9.28
C PHE A 37 18.74 -0.49 -8.90
N SER A 38 18.89 -1.38 -9.86
CA SER A 38 19.67 -2.58 -9.62
C SER A 38 21.10 -2.25 -9.18
N SER A 39 21.77 -1.33 -9.88
CA SER A 39 23.12 -0.91 -9.47
C SER A 39 23.14 -0.42 -8.03
N LEU A 40 22.11 0.31 -7.62
CA LEU A 40 22.01 0.79 -6.25
C LEU A 40 21.56 -0.29 -5.26
N GLY A 41 21.38 -1.53 -5.72
CA GLY A 41 20.94 -2.63 -4.85
C GLY A 41 19.51 -2.44 -4.35
N VAL A 42 18.68 -1.76 -5.16
CA VAL A 42 17.33 -1.47 -4.74
C VAL A 42 16.35 -2.36 -5.49
N GLU A 43 15.56 -3.09 -4.72
CA GLU A 43 14.45 -3.89 -5.24
C GLU A 43 13.23 -3.04 -5.59
N CYS A 44 12.67 -3.31 -6.77
CA CYS A 44 11.58 -2.53 -7.33
C CYS A 44 10.42 -3.41 -7.66
N ASN A 45 9.22 -2.85 -7.54
CA ASN A 45 8.02 -3.43 -8.13
C ASN A 45 7.86 -2.83 -9.54
N VAL A 46 7.84 -3.68 -10.56
CA VAL A 46 7.67 -3.24 -11.96
C VAL A 46 6.33 -3.68 -12.52
N LEU A 47 5.60 -2.73 -13.10
CA LEU A 47 4.36 -3.04 -13.82
C LEU A 47 4.61 -2.74 -15.30
N GLU A 48 4.63 -3.79 -16.11
CA GLU A 48 4.87 -3.72 -17.56
C GLU A 48 3.55 -3.51 -18.25
N LEU A 49 3.31 -2.26 -18.66
CA LEU A 49 2.02 -1.85 -19.20
C LEU A 49 1.64 -2.57 -20.49
N ASP A 50 2.65 -3.03 -21.23
CA ASP A 50 2.44 -3.82 -22.46
C ASP A 50 2.06 -5.29 -22.16
N GLN A 51 2.21 -5.72 -20.91
CA GLN A 51 1.93 -7.12 -20.54
C GLN A 51 0.69 -7.31 -19.69
N VAL A 52 0.03 -6.22 -19.30
CA VAL A 52 -1.19 -6.33 -18.51
C VAL A 52 -2.40 -6.20 -19.42
N ASP A 53 -3.46 -6.94 -19.10
CA ASP A 53 -4.69 -6.85 -19.88
C ASP A 53 -5.21 -5.42 -19.68
N ASP A 54 -5.58 -4.78 -20.80
CA ASP A 54 -6.13 -3.42 -20.77
C ASP A 54 -5.06 -2.40 -20.32
N GLY A 55 -3.84 -2.57 -20.83
CA GLY A 55 -2.75 -1.64 -20.54
C GLY A 55 -3.02 -0.22 -21.01
N ALA A 56 -3.82 -0.08 -22.06
CA ALA A 56 -4.22 1.24 -22.57
C ALA A 56 -5.04 2.02 -21.54
N ARG A 57 -6.02 1.32 -20.98
CA ARG A 57 -6.85 1.88 -19.91
C ARG A 57 -6.02 2.17 -18.65
N VAL A 58 -5.03 1.33 -18.38
CA VAL A 58 -4.11 1.56 -17.26
C VAL A 58 -3.26 2.81 -17.47
N GLN A 59 -2.74 2.99 -18.68
CA GLN A 59 -1.91 4.17 -18.96
C GLN A 59 -2.77 5.44 -18.83
N GLU A 60 -3.99 5.36 -19.34
CA GLU A 60 -4.93 6.48 -19.24
C GLU A 60 -5.17 6.90 -17.78
N VAL A 61 -5.44 5.93 -16.92
CA VAL A 61 -5.70 6.21 -15.51
C VAL A 61 -4.44 6.70 -14.82
N LEU A 62 -3.31 6.13 -15.20
CA LEU A 62 -2.02 6.54 -14.66
C LEU A 62 -1.65 7.98 -15.05
N SER A 63 -2.09 8.45 -16.22
CA SER A 63 -1.88 9.84 -16.62
C SER A 63 -2.78 10.78 -15.83
N GLU A 64 -3.95 10.28 -15.41
CA GLU A 64 -4.88 11.05 -14.60
C GLU A 64 -4.26 11.30 -13.23
N ILE A 65 -3.73 10.24 -12.62
CA ILE A 65 -3.01 10.36 -11.35
C ILE A 65 -1.75 11.25 -11.42
N THR A 66 -0.89 10.99 -12.40
CA THR A 66 0.47 11.56 -12.39
C THR A 66 0.61 12.77 -13.26
N ASN A 67 -0.41 13.07 -14.06
CA ASN A 67 -0.29 14.14 -15.05
C ASN A 67 0.94 13.94 -15.97
N GLN A 68 1.29 12.69 -16.24
CA GLN A 68 2.39 12.37 -17.14
C GLN A 68 1.84 11.32 -18.12
N LYS A 69 2.15 11.50 -19.41
CA LYS A 69 1.63 10.62 -20.48
C LYS A 69 2.62 9.52 -20.96
N THR A 70 3.90 9.67 -20.64
CA THR A 70 4.95 8.75 -21.08
C THR A 70 5.36 7.69 -20.04
N VAL A 71 6.00 6.62 -20.53
CA VAL A 71 6.66 5.63 -19.68
C VAL A 71 8.16 5.66 -20.04
N PRO A 72 9.05 5.36 -19.08
CA PRO A 72 8.70 4.91 -17.73
C PRO A 72 8.15 6.02 -16.81
N ASN A 73 7.51 5.60 -15.73
CA ASN A 73 6.87 6.54 -14.79
C ASN A 73 7.22 5.97 -13.42
N ILE A 74 8.03 6.72 -12.65
CA ILE A 74 8.69 6.17 -11.44
C ILE A 74 8.18 6.86 -10.18
N PHE A 75 7.86 6.05 -9.17
CA PHE A 75 7.54 6.50 -7.86
C PHE A 75 8.55 5.94 -6.94
N VAL A 76 9.07 6.75 -6.04
CA VAL A 76 9.91 6.28 -4.95
C VAL A 76 9.30 6.74 -3.62
N ASN A 77 9.01 5.78 -2.74
CA ASN A 77 8.47 6.01 -1.41
C ASN A 77 7.28 6.93 -1.44
N LYS A 78 6.38 6.63 -2.38
CA LYS A 78 5.12 7.32 -2.63
C LYS A 78 5.28 8.68 -3.33
N VAL A 79 6.49 9.08 -3.67
CA VAL A 79 6.68 10.41 -4.31
C VAL A 79 6.87 10.15 -5.80
N HIS A 80 6.12 10.88 -6.63
CA HIS A 80 6.30 10.79 -8.07
C HIS A 80 7.65 11.45 -8.46
N VAL A 81 8.57 10.67 -9.03
CA VAL A 81 9.84 11.20 -9.49
C VAL A 81 9.70 11.63 -10.96
N GLY A 82 9.03 10.83 -11.78
CA GLY A 82 8.76 11.23 -13.15
C GLY A 82 9.30 10.22 -14.15
N GLY A 83 9.82 10.70 -15.27
CA GLY A 83 10.40 9.81 -16.28
C GLY A 83 11.87 9.48 -16.08
N CYS A 84 12.48 8.98 -17.16
CA CYS A 84 13.84 8.50 -17.13
C CYS A 84 14.77 9.69 -16.84
N ASP A 85 14.60 10.77 -17.60
CA ASP A 85 15.46 11.93 -17.50
C ASP A 85 15.38 12.46 -16.08
N GLN A 86 14.17 12.54 -15.53
CA GLN A 86 13.99 13.14 -14.20
C GLN A 86 14.54 12.27 -13.09
N THR A 87 14.49 10.96 -13.32
CA THR A 87 15.10 10.01 -12.42
C THR A 87 16.62 10.06 -12.43
N PHE A 88 17.23 10.20 -13.61
CA PHE A 88 18.70 10.42 -13.66
C PHE A 88 19.18 11.77 -13.08
N GLN A 89 18.45 12.84 -13.35
CA GLN A 89 18.63 14.11 -12.64
C GLN A 89 18.53 13.96 -11.09
N ALA A 90 17.49 13.26 -10.61
CA ALA A 90 17.37 12.97 -9.16
C ALA A 90 18.59 12.21 -8.64
N TYR A 91 19.11 11.31 -9.46
CA TYR A 91 20.31 10.55 -9.08
C TYR A 91 21.53 11.47 -8.98
N GLN A 92 21.72 12.30 -9.99
CA GLN A 92 22.84 13.21 -10.03
C GLN A 92 22.79 14.19 -8.87
N SER A 93 21.59 14.71 -8.58
CA SER A 93 21.42 15.75 -7.55
C SER A 93 21.48 15.24 -6.10
N GLY A 94 21.38 13.94 -5.87
CA GLY A 94 21.27 13.41 -4.49
C GLY A 94 19.80 13.21 -4.04
N LEU A 95 18.86 13.70 -4.84
CA LEU A 95 17.43 13.56 -4.50
C LEU A 95 17.00 12.10 -4.39
N LEU A 96 17.37 11.31 -5.39
CA LEU A 96 16.96 9.91 -5.47
C LEU A 96 17.40 9.12 -4.24
N GLN A 97 18.65 9.31 -3.83
CA GLN A 97 19.22 8.58 -2.73
C GLN A 97 18.57 9.00 -1.41
N LYS A 98 18.29 10.31 -1.25
CA LYS A 98 17.59 10.77 -0.07
C LYS A 98 16.13 10.28 0.01
N LEU A 99 15.40 10.27 -1.10
CA LEU A 99 14.07 9.65 -1.15
C LEU A 99 14.08 8.17 -0.84
N LEU A 100 15.06 7.46 -1.37
CA LEU A 100 15.17 6.03 -1.07
C LEU A 100 15.46 5.71 0.39
N GLN A 101 16.09 6.62 1.16
CA GLN A 101 16.48 6.33 2.54
CA GLN A 101 16.45 6.30 2.55
C GLN A 101 15.36 6.64 3.57
N GLU A 102 14.34 7.39 3.16
CA GLU A 102 13.31 7.82 4.11
C GLU A 102 12.53 6.59 4.67
N ASP A 103 12.27 6.59 5.97
CA ASP A 103 11.52 5.50 6.58
C ASP A 103 10.08 5.52 6.03
N LEU A 104 9.56 4.37 5.60
CA LEU A 104 8.12 4.28 5.25
C LEU A 104 7.56 2.89 5.60
N ALA A 105 6.23 2.77 5.67
CA ALA A 105 5.56 1.49 5.96
C ALA A 105 5.01 0.85 4.69
N TYR A 106 5.43 -0.38 4.43
CA TYR A 106 5.04 -1.08 3.24
C TYR A 106 4.24 -2.33 3.61
N ASP A 107 2.91 -2.35 3.38
CA ASP A 107 2.03 -3.51 3.52
C ASP A 107 2.21 -4.51 2.36
N ALA A 108 1.55 -5.59 2.59
CA ALA A 108 1.57 -6.65 1.57
C ALA A 108 0.96 -7.95 2.12
N ARG B 3 8.58 7.21 18.51
CA ARG B 3 8.90 7.59 17.10
C ARG B 3 7.71 8.32 16.48
N GLU B 4 7.89 9.63 16.26
CA GLU B 4 6.81 10.50 15.76
C GLU B 4 6.41 10.19 14.31
N GLU B 5 7.40 9.83 13.49
CA GLU B 5 7.16 9.50 12.08
C GLU B 5 6.50 8.15 11.89
N LEU B 6 6.85 7.18 12.74
CA LEU B 6 6.20 5.87 12.73
C LEU B 6 4.69 6.00 13.13
N ARG B 7 4.43 6.66 14.26
CA ARG B 7 3.05 6.94 14.68
C ARG B 7 2.26 7.47 13.53
N ARG B 8 2.84 8.48 12.86
CA ARG B 8 2.20 9.14 11.74
C ARG B 8 1.92 8.18 10.57
N HIS B 9 2.86 7.27 10.26
CA HIS B 9 2.66 6.35 9.14
C HIS B 9 1.60 5.31 9.51
N LEU B 10 1.56 4.88 10.76
CA LEU B 10 0.57 3.88 11.22
C LEU B 10 -0.84 4.47 11.14
N VAL B 11 -0.97 5.70 11.60
CA VAL B 11 -2.24 6.41 11.51
C VAL B 11 -2.68 6.61 10.05
N GLY B 12 -1.72 6.98 9.17
CA GLY B 12 -2.04 7.17 7.75
C GLY B 12 -2.54 5.88 7.07
N LEU B 13 -1.88 4.77 7.37
CA LEU B 13 -2.30 3.44 6.90
C LEU B 13 -3.77 3.14 7.27
N ILE B 14 -4.13 3.43 8.53
CA ILE B 14 -5.49 3.19 9.04
C ILE B 14 -6.51 4.09 8.38
N GLU B 15 -6.12 5.35 8.22
CA GLU B 15 -6.96 6.38 7.62
C GLU B 15 -7.28 6.10 6.15
N ARG B 16 -6.33 5.53 5.42
CA ARG B 16 -6.49 5.32 3.99
C ARG B 16 -7.12 3.96 3.61
N SER B 17 -7.32 3.08 4.59
CA SER B 17 -7.65 1.68 4.32
C SER B 17 -9.08 1.38 4.69
N ARG B 18 -9.77 0.72 3.79
CA ARG B 18 -11.07 0.16 4.11
C ARG B 18 -11.00 -0.92 5.21
N VAL B 19 -10.05 -1.83 5.08
CA VAL B 19 -9.70 -2.78 6.16
C VAL B 19 -8.19 -2.84 6.29
N VAL B 20 -7.69 -2.69 7.49
CA VAL B 20 -6.29 -2.98 7.77
C VAL B 20 -6.24 -4.01 8.89
N ILE B 21 -5.42 -5.06 8.69
CA ILE B 21 -5.17 -6.10 9.68
C ILE B 21 -3.68 -6.05 10.02
N PHE B 22 -3.38 -5.74 11.27
CA PHE B 22 -2.05 -5.85 11.83
C PHE B 22 -1.95 -7.27 12.34
N SER B 23 -1.05 -8.02 11.75
CA SER B 23 -1.07 -9.47 11.75
C SER B 23 0.32 -10.04 12.08
N LYS B 24 0.35 -11.36 12.27
CA LYS B 24 1.59 -12.12 12.20
C LYS B 24 1.44 -13.32 11.26
N SER B 25 2.47 -13.52 10.42
CA SER B 25 2.46 -14.47 9.30
C SER B 25 2.06 -15.90 9.71
N TYR B 26 2.37 -16.27 10.95
CA TYR B 26 2.21 -17.64 11.42
C TYR B 26 1.00 -17.85 12.35
N CYS B 27 0.32 -16.75 12.66
CA CYS B 27 -0.77 -16.73 13.64
C CYS B 27 -2.10 -17.23 13.04
N PRO B 28 -2.71 -18.25 13.67
CA PRO B 28 -3.94 -18.83 13.12
C PRO B 28 -5.18 -17.97 13.40
N HIS B 29 -5.12 -17.13 14.42
CA HIS B 29 -6.17 -16.10 14.60
C HIS B 29 -6.14 -15.11 13.41
N SER B 30 -4.93 -14.62 13.08
CA SER B 30 -4.70 -13.76 11.90
C SER B 30 -5.16 -14.42 10.61
N THR B 31 -4.74 -15.67 10.38
CA THR B 31 -5.14 -16.45 9.21
C THR B 31 -6.66 -16.57 9.11
N ARG B 32 -7.30 -16.79 10.25
CA ARG B 32 -8.74 -16.93 10.28
C ARG B 32 -9.50 -15.65 9.96
N VAL B 33 -9.02 -14.51 10.47
CA VAL B 33 -9.63 -13.25 10.12
C VAL B 33 -9.44 -12.89 8.65
N LYS B 34 -8.25 -13.16 8.09
CA LYS B 34 -8.00 -12.93 6.65
C LYS B 34 -8.99 -13.75 5.83
N GLU B 35 -9.23 -14.98 6.25
CA GLU B 35 -10.16 -15.86 5.52
C GLU B 35 -11.58 -15.34 5.60
N LEU B 36 -12.00 -14.86 6.76
CA LEU B 36 -13.33 -14.25 6.86
C LEU B 36 -13.45 -13.11 5.80
N PHE B 37 -12.50 -12.18 5.77
CA PHE B 37 -12.65 -11.00 4.86
C PHE B 37 -12.62 -11.47 3.42
N SER B 38 -11.78 -12.46 3.13
CA SER B 38 -11.74 -13.04 1.80
C SER B 38 -13.08 -13.69 1.41
N SER B 39 -13.69 -14.45 2.33
CA SER B 39 -15.03 -15.01 2.11
C SER B 39 -16.04 -13.93 1.77
N LEU B 40 -15.96 -12.79 2.46
CA LEU B 40 -16.87 -11.66 2.23
C LEU B 40 -16.48 -10.86 0.96
N GLY B 41 -15.44 -11.30 0.26
CA GLY B 41 -14.97 -10.58 -0.93
C GLY B 41 -14.41 -9.20 -0.63
N VAL B 42 -13.82 -9.04 0.56
CA VAL B 42 -13.29 -7.74 0.97
C VAL B 42 -11.76 -7.73 0.93
N GLU B 43 -11.24 -6.77 0.16
CA GLU B 43 -9.80 -6.56 0.04
C GLU B 43 -9.24 -5.84 1.28
N CYS B 44 -8.15 -6.40 1.81
CA CYS B 44 -7.54 -5.88 3.03
C CYS B 44 -6.10 -5.48 2.84
N ASN B 45 -5.69 -4.43 3.52
CA ASN B 45 -4.28 -4.12 3.67
C ASN B 45 -3.77 -4.90 4.87
N VAL B 46 -2.74 -5.71 4.68
CA VAL B 46 -2.16 -6.51 5.76
C VAL B 46 -0.73 -6.05 6.06
N LEU B 47 -0.46 -5.75 7.33
CA LEU B 47 0.91 -5.47 7.80
C LEU B 47 1.35 -6.60 8.73
N GLU B 48 2.30 -7.39 8.27
CA GLU B 48 2.83 -8.57 8.99
C GLU B 48 3.97 -8.09 9.86
N LEU B 49 3.70 -8.01 11.15
CA LEU B 49 4.59 -7.42 12.11
C LEU B 49 5.90 -8.22 12.27
N ASP B 50 5.83 -9.52 12.00
CA ASP B 50 7.03 -10.38 12.01
C ASP B 50 7.92 -10.21 10.77
N GLN B 51 7.43 -9.50 9.76
CA GLN B 51 8.17 -9.32 8.49
C GLN B 51 8.66 -7.89 8.26
N VAL B 52 8.26 -6.94 9.10
CA VAL B 52 8.77 -5.58 8.98
C VAL B 52 10.02 -5.43 9.85
N ASP B 53 10.97 -4.59 9.40
CA ASP B 53 12.13 -4.24 10.20
C ASP B 53 11.62 -3.44 11.43
N ASP B 54 12.06 -3.87 12.62
CA ASP B 54 11.68 -3.23 13.89
C ASP B 54 10.20 -3.46 14.23
N GLY B 55 9.71 -4.69 14.01
CA GLY B 55 8.32 -5.06 14.29
C GLY B 55 7.94 -5.03 15.77
N ALA B 56 8.94 -5.14 16.64
CA ALA B 56 8.75 -4.97 18.08
C ALA B 56 8.36 -3.52 18.41
N ARG B 57 9.13 -2.58 17.86
CA ARG B 57 8.87 -1.15 18.02
C ARG B 57 7.53 -0.76 17.39
N VAL B 58 7.16 -1.43 16.30
CA VAL B 58 5.84 -1.22 15.67
C VAL B 58 4.69 -1.73 16.55
N GLN B 59 4.86 -2.90 17.16
CA GLN B 59 3.81 -3.45 18.04
C GLN B 59 3.64 -2.57 19.28
N GLU B 60 4.77 -2.08 19.80
CA GLU B 60 4.77 -1.13 20.92
C GLU B 60 3.94 0.12 20.59
N VAL B 61 4.26 0.75 19.47
CA VAL B 61 3.54 1.98 19.06
C VAL B 61 2.07 1.71 18.73
N LEU B 62 1.82 0.55 18.14
CA LEU B 62 0.45 0.13 17.86
C LEU B 62 -0.37 -0.07 19.14
N SER B 63 0.26 -0.57 20.20
CA SER B 63 -0.42 -0.71 21.52
C SER B 63 -0.72 0.64 22.16
N GLU B 64 0.11 1.64 21.87
CA GLU B 64 -0.13 3.00 22.36
C GLU B 64 -1.39 3.56 21.71
N ILE B 65 -1.47 3.46 20.39
CA ILE B 65 -2.66 3.88 19.63
C ILE B 65 -3.91 3.14 20.05
N THR B 66 -3.85 1.82 20.05
CA THR B 66 -5.08 0.99 20.14
C THR B 66 -5.42 0.52 21.53
N ASN B 67 -4.50 0.69 22.47
CA ASN B 67 -4.64 0.09 23.81
C ASN B 67 -4.85 -1.44 23.74
N GLN B 68 -4.31 -2.07 22.70
CA GLN B 68 -4.39 -3.52 22.53
C GLN B 68 -2.98 -4.05 22.27
N LYS B 69 -2.61 -5.10 22.99
CA LYS B 69 -1.24 -5.63 22.92
C LYS B 69 -1.08 -6.82 21.96
N THR B 70 -2.20 -7.48 21.61
CA THR B 70 -2.19 -8.71 20.79
C THR B 70 -2.41 -8.44 19.31
N VAL B 71 -2.02 -9.40 18.48
CA VAL B 71 -2.44 -9.47 17.08
C VAL B 71 -3.29 -10.74 16.93
N PRO B 72 -4.22 -10.76 15.96
CA PRO B 72 -4.44 -9.69 15.00
C PRO B 72 -5.11 -8.46 15.60
N ASN B 73 -5.01 -7.35 14.87
CA ASN B 73 -5.58 -6.08 15.31
C ASN B 73 -6.15 -5.45 14.04
N ILE B 74 -7.48 -5.36 14.02
CA ILE B 74 -8.23 -5.05 12.83
C ILE B 74 -8.84 -3.66 12.98
N PHE B 75 -8.69 -2.85 11.92
CA PHE B 75 -9.44 -1.63 11.73
C PHE B 75 -10.31 -1.76 10.50
N VAL B 76 -11.55 -1.29 10.62
CA VAL B 76 -12.41 -1.17 9.43
C VAL B 76 -12.93 0.28 9.29
N ASN B 77 -12.58 0.93 8.18
CA ASN B 77 -13.01 2.30 7.90
C ASN B 77 -12.69 3.27 9.03
N LYS B 78 -11.47 3.11 9.55
CA LYS B 78 -10.88 3.91 10.61
C LYS B 78 -11.34 3.56 12.01
N VAL B 79 -12.15 2.51 12.17
CA VAL B 79 -12.71 2.17 13.46
C VAL B 79 -12.02 0.92 13.90
N HIS B 80 -11.49 0.95 15.12
CA HIS B 80 -10.81 -0.20 15.70
C HIS B 80 -11.82 -1.29 16.03
N VAL B 81 -11.76 -2.46 15.38
CA VAL B 81 -12.72 -3.54 15.68
C VAL B 81 -12.14 -4.43 16.78
N GLY B 82 -10.84 -4.70 16.70
CA GLY B 82 -10.15 -5.43 17.78
C GLY B 82 -9.46 -6.66 17.26
N GLY B 83 -9.51 -7.75 18.02
CA GLY B 83 -8.93 -9.02 17.60
C GLY B 83 -9.87 -9.92 16.82
N CYS B 84 -9.48 -11.18 16.73
CA CYS B 84 -10.18 -12.18 15.94
C CYS B 84 -11.59 -12.39 16.50
N ASP B 85 -11.68 -12.66 17.80
CA ASP B 85 -12.96 -12.93 18.45
C ASP B 85 -13.92 -11.76 18.27
N GLN B 86 -13.42 -10.54 18.46
CA GLN B 86 -14.25 -9.35 18.34
C GLN B 86 -14.71 -9.14 16.91
N THR B 87 -13.84 -9.50 15.96
CA THR B 87 -14.17 -9.41 14.57
C THR B 87 -15.27 -10.38 14.17
N PHE B 88 -15.23 -11.59 14.70
CA PHE B 88 -16.32 -12.58 14.47
C PHE B 88 -17.60 -12.15 15.18
N GLN B 89 -17.51 -11.62 16.37
CA GLN B 89 -18.68 -11.03 17.05
C GLN B 89 -19.34 -9.91 16.27
N ALA B 90 -18.54 -9.00 15.72
CA ALA B 90 -19.04 -7.97 14.82
C ALA B 90 -19.72 -8.55 13.60
N TYR B 91 -19.16 -9.66 13.11
CA TYR B 91 -19.78 -10.34 11.94
C TYR B 91 -21.16 -10.86 12.33
N GLN B 92 -21.24 -11.51 13.48
CA GLN B 92 -22.48 -12.08 13.98
C GLN B 92 -23.56 -11.06 14.27
N SER B 93 -23.17 -9.91 14.85
CA SER B 93 -24.14 -8.88 15.23
C SER B 93 -24.69 -8.03 14.06
N GLY B 94 -23.98 -8.03 12.94
CA GLY B 94 -24.29 -7.18 11.80
C GLY B 94 -23.41 -5.90 11.76
N LEU B 95 -22.65 -5.65 12.83
CA LEU B 95 -21.85 -4.43 12.95
C LEU B 95 -20.74 -4.36 11.90
N LEU B 96 -20.13 -5.51 11.58
CA LEU B 96 -19.03 -5.53 10.58
C LEU B 96 -19.52 -5.12 9.20
N GLN B 97 -20.68 -5.63 8.80
CA GLN B 97 -21.26 -5.30 7.49
C GLN B 97 -21.68 -3.84 7.42
N LYS B 98 -22.16 -3.29 8.53
CA LYS B 98 -22.48 -1.86 8.61
C LYS B 98 -21.24 -0.96 8.50
N LEU B 99 -20.16 -1.38 9.12
CA LEU B 99 -18.90 -0.62 9.01
C LEU B 99 -18.35 -0.63 7.58
N LEU B 100 -18.59 -1.74 6.89
CA LEU B 100 -18.13 -1.92 5.52
C LEU B 100 -19.04 -1.25 4.51
N GLN B 101 -20.30 -1.02 4.84
CA GLN B 101 -21.25 -0.57 3.83
C GLN B 101 -21.11 0.93 3.51
N GLU B 102 -21.69 1.31 2.38
CA GLU B 102 -21.73 2.70 1.90
C GLU B 102 -22.58 3.60 2.82
N ASP B 103 -22.09 4.81 3.04
CA ASP B 103 -22.80 5.80 3.84
C ASP B 103 -23.94 6.48 3.04
N LEU B 104 -25.00 6.85 3.77
CA LEU B 104 -26.11 7.60 3.21
C LEU B 104 -25.66 9.03 2.93
N ALA B 105 -25.65 9.41 1.64
CA ALA B 105 -25.39 10.80 1.20
C ALA B 105 -26.18 11.78 2.03
N TYR B 106 -27.45 11.44 2.27
CA TYR B 106 -28.37 12.35 2.93
C TYR B 106 -28.03 12.58 4.42
N ASP B 107 -27.12 11.79 4.98
CA ASP B 107 -26.57 12.05 6.33
C ASP B 107 -25.29 12.89 6.23
N ALA B 108 -24.72 12.97 5.01
CA ALA B 108 -23.46 13.68 4.69
C ALA B 108 -22.20 12.91 5.15
S SO4 C . 11.81 10.53 -20.38
O1 SO4 C . 13.06 10.15 -21.03
O2 SO4 C . 12.03 11.50 -19.30
O3 SO4 C . 10.94 11.24 -21.30
O4 SO4 C . 11.20 9.29 -19.89
CL CL D . -5.41 -5.83 -23.93
S SO4 E . -8.07 -12.65 19.58
O1 SO4 E . -7.15 -13.67 20.07
O2 SO4 E . -7.51 -12.04 18.38
O3 SO4 E . -9.35 -13.33 19.34
O4 SO4 E . -8.27 -11.57 20.57
S SO4 F . -29.85 -4.58 7.35
O1 SO4 F . -29.63 -4.99 8.74
O2 SO4 F . -29.14 -3.32 7.06
O3 SO4 F . -31.27 -4.37 7.13
O4 SO4 F . -29.36 -5.63 6.45
#